data_1SYS
#
_entry.id   1SYS
#
_cell.length_a   50.823
_cell.length_b   81.985
_cell.length_c   110.155
_cell.angle_alpha   90.00
_cell.angle_beta   90.00
_cell.angle_gamma   90.00
#
_symmetry.space_group_name_H-M   'P 21 21 21'
#
loop_
_entity.id
_entity.type
_entity.pdbx_description
1 polymer 'leukocyte antigen (HLA) class I molecule'
2 polymer Beta-2-microglobulin
3 polymer 'Sorting nexin 5'
4 water water
#
loop_
_entity_poly.entity_id
_entity_poly.type
_entity_poly.pdbx_seq_one_letter_code
_entity_poly.pdbx_strand_id
1 'polypeptide(L)'
;GSHSMRYFYTAMSRPGRGEPRFITVGYVDDTLFVRFDSDATSPRKEPRAPWIEQEGPEYWDRETQISKTNTQTYRENLRT
ALRYYNQSEAGSHIIQRMYGCDVGPDGRLLRGYDQDAYDGKDYIALNEDLSSWTAADTAAQITQRKWEAARVAEQLRAYL
EGLCVESLRRYLENGKETLQRADPPKTHVTHHPISDHEVTLRCWALGFYPAEITLTWQRDGEDQTQDTELVETRPAGDRT
FQKWAAVVVPSGEEQRYTCHVQHEGLPKPLTLRWEP
;
A
2 'polypeptide(L)'
;MIQRTPKIQVYSRHPAENGKSNFLNCYVSGFHPSDIEVDLLKNGERIEKVEHSDLSFSKDWSFYLLYYTEFTPTEKDEYA
CRVNHVTLSQPKIVKWDRDM
;
B
3 'polypeptide(L)' EEPTVIKKY C
#
# COMPACT_ATOMS: atom_id res chain seq x y z
N GLY A 1 -7.26 4.62 19.30
CA GLY A 1 -7.02 3.17 19.04
C GLY A 1 -5.54 2.90 18.83
N SER A 2 -5.21 1.73 18.31
CA SER A 2 -3.83 1.36 18.05
C SER A 2 -3.32 2.13 16.83
N HIS A 3 -2.02 2.36 16.80
CA HIS A 3 -1.43 3.09 15.68
C HIS A 3 -0.06 2.53 15.32
N SER A 4 0.41 2.87 14.13
CA SER A 4 1.70 2.39 13.70
C SER A 4 2.38 3.36 12.74
N MET A 5 3.71 3.30 12.68
CA MET A 5 4.48 4.12 11.79
C MET A 5 5.40 3.17 11.06
N ARG A 6 5.55 3.35 9.75
CA ARG A 6 6.40 2.46 9.00
C ARG A 6 7.14 3.22 7.92
N TYR A 7 8.37 2.79 7.65
CA TYR A 7 9.20 3.38 6.62
C TYR A 7 9.46 2.31 5.56
N PHE A 8 9.33 2.68 4.29
CA PHE A 8 9.56 1.73 3.22
C PHE A 8 10.66 2.18 2.26
N TYR A 9 11.70 1.35 2.16
CA TYR A 9 12.82 1.62 1.26
C TYR A 9 12.66 0.79 -0.01
N THR A 10 13.06 1.36 -1.13
CA THR A 10 13.01 0.67 -2.41
C THR A 10 14.27 1.06 -3.16
N ALA A 11 15.19 0.12 -3.30
CA ALA A 11 16.45 0.37 -4.01
C ALA A 11 16.47 -0.49 -5.26
N MET A 12 16.21 0.12 -6.42
CA MET A 12 16.20 -0.61 -7.67
C MET A 12 17.40 -0.31 -8.57
N SER A 13 18.16 -1.34 -8.93
CA SER A 13 19.31 -1.14 -9.79
C SER A 13 18.81 -1.12 -11.23
N ARG A 14 19.48 -0.36 -12.08
CA ARG A 14 19.09 -0.24 -13.48
C ARG A 14 20.35 -0.12 -14.31
N PRO A 15 20.97 -1.25 -14.64
CA PRO A 15 22.20 -1.34 -15.43
C PRO A 15 22.17 -0.60 -16.77
N GLY A 16 23.13 0.31 -16.95
CA GLY A 16 23.21 1.06 -18.19
C GLY A 16 22.36 2.30 -18.18
N ARG A 17 21.60 2.49 -17.10
CA ARG A 17 20.72 3.65 -16.96
C ARG A 17 21.01 4.45 -15.69
N GLY A 18 22.27 4.46 -15.27
CA GLY A 18 22.64 5.21 -14.09
C GLY A 18 22.64 4.44 -12.80
N GLU A 19 22.92 5.13 -11.70
CA GLU A 19 22.94 4.54 -10.39
C GLU A 19 21.55 4.06 -9.93
N PRO A 20 21.52 3.07 -9.02
CA PRO A 20 20.24 2.55 -8.51
C PRO A 20 19.41 3.66 -7.88
N ARG A 21 18.11 3.63 -8.12
CA ARG A 21 17.20 4.62 -7.55
C ARG A 21 16.79 4.23 -6.13
N PHE A 22 16.94 5.16 -5.20
CA PHE A 22 16.57 4.91 -3.81
C PHE A 22 15.32 5.70 -3.46
N ILE A 23 14.34 5.04 -2.87
CA ILE A 23 13.10 5.71 -2.50
C ILE A 23 12.69 5.37 -1.06
N THR A 24 12.24 6.39 -0.34
CA THR A 24 11.79 6.20 1.04
C THR A 24 10.46 6.90 1.25
N VAL A 25 9.54 6.24 1.95
CA VAL A 25 8.24 6.82 2.26
C VAL A 25 7.85 6.44 3.70
N GLY A 26 7.39 7.42 4.46
CA GLY A 26 6.99 7.18 5.83
C GLY A 26 5.48 7.21 5.93
N TYR A 27 4.93 6.25 6.65
CA TYR A 27 3.50 6.16 6.84
C TYR A 27 3.14 6.05 8.31
N VAL A 28 2.01 6.65 8.65
CA VAL A 28 1.45 6.57 9.99
C VAL A 28 0.11 5.92 9.66
N ASP A 29 -0.04 4.65 10.03
CA ASP A 29 -1.23 3.90 9.73
C ASP A 29 -1.34 3.90 8.22
N ASP A 30 -2.50 4.26 7.66
CA ASP A 30 -2.65 4.26 6.22
C ASP A 30 -2.43 5.62 5.57
N THR A 31 -1.71 6.50 6.26
CA THR A 31 -1.42 7.83 5.72
C THR A 31 0.08 8.04 5.48
N LEU A 32 0.40 8.57 4.31
CA LEU A 32 1.77 8.86 3.91
C LEU A 32 2.12 10.28 4.33
N PHE A 33 3.23 10.48 5.02
CA PHE A 33 3.61 11.83 5.45
C PHE A 33 4.98 12.31 4.98
N VAL A 34 5.86 11.42 4.53
CA VAL A 34 7.17 11.85 4.05
C VAL A 34 7.63 11.04 2.84
N ARG A 35 8.53 11.60 2.06
CA ARG A 35 9.02 10.94 0.86
C ARG A 35 10.38 11.45 0.43
N PHE A 36 11.25 10.53 0.06
CA PHE A 36 12.61 10.84 -0.43
C PHE A 36 12.84 10.07 -1.71
N ASP A 37 13.33 10.76 -2.73
CA ASP A 37 13.59 10.16 -4.03
C ASP A 37 14.94 10.63 -4.56
N SER A 38 15.90 9.71 -4.64
CA SER A 38 17.24 10.06 -5.10
C SER A 38 17.23 10.54 -6.54
N ASP A 39 16.08 10.41 -7.19
CA ASP A 39 15.94 10.84 -8.58
C ASP A 39 15.40 12.27 -8.71
N ALA A 40 14.84 12.80 -7.63
CA ALA A 40 14.30 14.15 -7.63
C ALA A 40 15.39 15.16 -7.95
N THR A 41 15.00 16.31 -8.48
CA THR A 41 15.93 17.37 -8.85
C THR A 41 16.79 17.71 -7.64
N SER A 42 16.12 18.01 -6.54
CA SER A 42 16.80 18.33 -5.28
C SER A 42 16.45 17.24 -4.26
N PRO A 43 17.16 16.11 -4.33
CA PRO A 43 16.95 14.97 -3.42
C PRO A 43 16.91 15.35 -1.95
N ARG A 44 15.73 15.24 -1.36
CA ARG A 44 15.55 15.57 0.05
C ARG A 44 14.20 15.10 0.55
N LYS A 45 14.06 14.94 1.86
CA LYS A 45 12.79 14.51 2.44
C LYS A 45 11.76 15.61 2.24
N GLU A 46 10.60 15.27 1.70
CA GLU A 46 9.55 16.26 1.48
C GLU A 46 8.27 15.85 2.22
N PRO A 47 7.53 16.84 2.74
CA PRO A 47 6.28 16.58 3.47
C PRO A 47 5.18 16.08 2.53
N ARG A 48 4.36 15.16 3.02
CA ARG A 48 3.27 14.59 2.25
C ARG A 48 1.95 14.77 2.99
N ALA A 49 2.04 15.25 4.23
CA ALA A 49 0.86 15.48 5.05
C ALA A 49 0.96 16.86 5.70
N PRO A 50 -0.17 17.57 5.80
CA PRO A 50 -0.22 18.91 6.40
C PRO A 50 0.43 19.02 7.77
N TRP A 51 0.15 18.05 8.64
CA TRP A 51 0.66 18.06 10.01
C TRP A 51 2.16 17.86 10.21
N ILE A 52 2.86 17.43 9.17
CA ILE A 52 4.29 17.22 9.29
C ILE A 52 5.10 18.50 8.95
N GLU A 53 4.49 19.41 8.21
CA GLU A 53 5.14 20.65 7.79
C GLU A 53 5.63 21.53 8.94
N GLN A 54 4.98 21.41 10.10
CA GLN A 54 5.34 22.21 11.26
C GLN A 54 6.62 21.78 11.96
N GLU A 55 7.32 20.80 11.37
CA GLU A 55 8.57 20.35 11.96
C GLU A 55 9.69 21.36 11.66
N GLY A 56 10.55 21.59 12.64
CA GLY A 56 11.65 22.54 12.47
C GLY A 56 12.59 22.25 11.30
N PRO A 57 13.30 23.28 10.81
CA PRO A 57 14.24 23.13 9.69
C PRO A 57 15.34 22.11 9.95
N GLU A 58 15.68 21.94 11.23
CA GLU A 58 16.71 21.00 11.61
C GLU A 58 16.20 19.60 11.32
N TYR A 59 14.91 19.39 11.59
CA TYR A 59 14.25 18.12 11.34
C TYR A 59 14.52 17.69 9.89
N TRP A 60 13.99 18.48 8.96
CA TRP A 60 14.10 18.18 7.54
C TRP A 60 15.51 17.96 7.03
N ASP A 61 16.49 18.63 7.63
CA ASP A 61 17.85 18.44 7.20
C ASP A 61 18.44 17.19 7.81
N ARG A 62 18.06 16.90 9.06
CA ARG A 62 18.56 15.71 9.74
C ARG A 62 18.03 14.48 9.01
N GLU A 63 16.75 14.50 8.67
CA GLU A 63 16.10 13.41 7.97
C GLU A 63 16.66 13.21 6.55
N THR A 64 16.88 14.32 5.85
CA THR A 64 17.41 14.26 4.49
C THR A 64 18.82 13.68 4.47
N GLN A 65 19.59 13.94 5.53
CA GLN A 65 20.94 13.41 5.59
C GLN A 65 20.91 11.90 5.72
N ILE A 66 20.03 11.41 6.59
CA ILE A 66 19.89 9.98 6.81
C ILE A 66 19.61 9.29 5.48
N SER A 67 18.63 9.81 4.74
CA SER A 67 18.24 9.24 3.46
C SER A 67 19.37 9.30 2.42
N LYS A 68 20.15 10.37 2.45
CA LYS A 68 21.25 10.48 1.52
C LYS A 68 22.32 9.42 1.83
N THR A 69 22.65 9.28 3.11
CA THR A 69 23.62 8.27 3.53
C THR A 69 23.07 6.88 3.18
N ASN A 70 21.77 6.69 3.40
CA ASN A 70 21.10 5.42 3.11
C ASN A 70 21.11 5.12 1.61
N THR A 71 21.06 6.18 0.79
CA THR A 71 21.08 5.99 -0.66
C THR A 71 22.37 5.23 -1.00
N GLN A 72 23.47 5.65 -0.40
CA GLN A 72 24.74 4.99 -0.67
C GLN A 72 24.79 3.62 -0.05
N THR A 73 24.36 3.52 1.20
CA THR A 73 24.38 2.25 1.91
C THR A 73 23.71 1.12 1.12
N TYR A 74 22.49 1.37 0.68
CA TYR A 74 21.74 0.39 -0.07
C TYR A 74 22.21 0.21 -1.50
N ARG A 75 22.86 1.21 -2.07
CA ARG A 75 23.38 1.04 -3.43
C ARG A 75 24.55 0.06 -3.28
N GLU A 76 25.28 0.20 -2.19
CA GLU A 76 26.40 -0.68 -1.92
C GLU A 76 25.83 -2.05 -1.59
N ASN A 77 24.70 -2.07 -0.91
CA ASN A 77 24.08 -3.34 -0.54
C ASN A 77 23.64 -4.11 -1.76
N LEU A 78 23.23 -3.40 -2.80
CA LEU A 78 22.82 -4.05 -4.05
C LEU A 78 24.02 -4.72 -4.72
N ARG A 79 25.17 -4.05 -4.67
CA ARG A 79 26.38 -4.60 -5.27
C ARG A 79 26.80 -5.82 -4.48
N THR A 80 26.75 -5.68 -3.16
CA THR A 80 27.12 -6.76 -2.25
C THR A 80 26.19 -7.96 -2.46
N ALA A 81 24.91 -7.67 -2.71
CA ALA A 81 23.94 -8.73 -2.92
C ALA A 81 24.22 -9.52 -4.19
N LEU A 82 24.82 -8.85 -5.16
CA LEU A 82 25.16 -9.48 -6.43
C LEU A 82 26.23 -10.53 -6.21
N ARG A 83 27.23 -10.20 -5.41
CA ARG A 83 28.30 -11.14 -5.13
C ARG A 83 27.78 -12.35 -4.34
N TYR A 84 26.97 -12.08 -3.32
CA TYR A 84 26.39 -13.12 -2.45
C TYR A 84 25.59 -14.15 -3.24
N TYR A 85 25.08 -13.74 -4.39
CA TYR A 85 24.29 -14.66 -5.22
C TYR A 85 24.96 -15.01 -6.54
N ASN A 86 26.23 -14.64 -6.67
CA ASN A 86 26.98 -14.93 -7.89
C ASN A 86 26.18 -14.51 -9.11
N GLN A 87 25.55 -13.34 -9.03
CA GLN A 87 24.74 -12.84 -10.13
C GLN A 87 25.50 -11.87 -11.04
N SER A 88 25.00 -11.72 -12.27
CA SER A 88 25.60 -10.84 -13.27
C SER A 88 25.34 -9.38 -12.99
N GLU A 89 26.16 -8.50 -13.58
CA GLU A 89 26.01 -7.06 -13.41
C GLU A 89 25.15 -6.47 -14.52
N ALA A 90 24.50 -7.35 -15.28
CA ALA A 90 23.68 -6.91 -16.39
C ALA A 90 22.20 -6.94 -16.07
N GLY A 91 21.84 -7.58 -14.96
CA GLY A 91 20.44 -7.65 -14.60
C GLY A 91 20.01 -6.62 -13.59
N SER A 92 18.71 -6.32 -13.58
CA SER A 92 18.15 -5.36 -12.65
C SER A 92 17.67 -6.10 -11.40
N HIS A 93 17.94 -5.54 -10.23
CA HIS A 93 17.52 -6.18 -8.98
C HIS A 93 16.92 -5.18 -8.00
N ILE A 94 16.18 -5.68 -7.03
CA ILE A 94 15.54 -4.80 -6.05
C ILE A 94 15.74 -5.23 -4.61
N ILE A 95 16.00 -4.24 -3.76
CA ILE A 95 16.11 -4.49 -2.34
C ILE A 95 14.97 -3.68 -1.71
N GLN A 96 14.23 -4.32 -0.81
CA GLN A 96 13.13 -3.68 -0.14
C GLN A 96 13.30 -3.72 1.36
N ARG A 97 12.87 -2.67 2.02
CA ARG A 97 12.94 -2.62 3.47
C ARG A 97 11.71 -1.95 4.05
N MET A 98 11.15 -2.57 5.08
CA MET A 98 10.01 -2.01 5.76
C MET A 98 10.23 -2.27 7.23
N TYR A 99 10.28 -1.19 8.00
CA TYR A 99 10.47 -1.29 9.43
C TYR A 99 9.63 -0.23 10.12
N GLY A 100 9.45 -0.35 11.43
CA GLY A 100 8.64 0.60 12.15
C GLY A 100 8.15 0.04 13.46
N CYS A 101 7.25 0.76 14.11
CA CYS A 101 6.73 0.35 15.40
C CYS A 101 5.21 0.46 15.49
N ASP A 102 4.62 -0.39 16.35
CA ASP A 102 3.18 -0.41 16.60
C ASP A 102 2.96 -0.03 18.07
N VAL A 103 1.91 0.74 18.32
CA VAL A 103 1.58 1.16 19.68
C VAL A 103 0.08 1.05 19.96
N GLY A 104 -0.25 0.75 21.22
CA GLY A 104 -1.63 0.62 21.63
C GLY A 104 -2.23 1.97 21.96
N PRO A 105 -3.49 2.02 22.41
CA PRO A 105 -4.13 3.29 22.76
C PRO A 105 -3.30 4.16 23.72
N ASP A 106 -2.68 3.50 24.70
CA ASP A 106 -1.87 4.21 25.68
C ASP A 106 -0.58 4.74 25.05
N GLY A 107 -0.40 4.44 23.76
CA GLY A 107 0.80 4.90 23.06
C GLY A 107 2.06 4.22 23.54
N ARG A 108 1.93 2.96 23.93
CA ARG A 108 3.06 2.19 24.42
C ARG A 108 3.53 1.24 23.32
N LEU A 109 4.83 0.94 23.29
CA LEU A 109 5.35 0.03 22.28
C LEU A 109 4.67 -1.34 22.34
N LEU A 110 4.05 -1.73 21.23
CA LEU A 110 3.40 -3.03 21.18
C LEU A 110 4.30 -4.04 20.48
N ARG A 111 4.91 -3.62 19.38
CA ARG A 111 5.79 -4.50 18.63
C ARG A 111 6.67 -3.68 17.68
N GLY A 112 7.78 -4.25 17.25
CA GLY A 112 8.65 -3.54 16.35
C GLY A 112 9.08 -4.39 15.16
N TYR A 113 9.37 -3.75 14.03
CA TYR A 113 9.77 -4.49 12.83
C TYR A 113 10.93 -3.89 12.08
N ASP A 114 11.54 -4.73 11.24
CA ASP A 114 12.64 -4.35 10.36
C ASP A 114 12.93 -5.56 9.47
N GLN A 115 12.30 -5.56 8.30
CA GLN A 115 12.45 -6.63 7.34
C GLN A 115 13.12 -6.18 6.06
N ASP A 116 14.01 -7.03 5.54
CA ASP A 116 14.72 -6.74 4.32
C ASP A 116 14.44 -7.84 3.30
N ALA A 117 14.14 -7.45 2.07
CA ALA A 117 13.86 -8.42 1.01
C ALA A 117 14.69 -8.12 -0.24
N TYR A 118 15.09 -9.18 -0.94
CA TYR A 118 15.87 -9.04 -2.16
C TYR A 118 15.11 -9.69 -3.31
N ASP A 119 14.88 -8.93 -4.36
CA ASP A 119 14.12 -9.39 -5.52
C ASP A 119 12.76 -9.99 -5.13
N GLY A 120 12.15 -9.44 -4.09
CA GLY A 120 10.85 -9.93 -3.67
C GLY A 120 10.86 -11.00 -2.58
N LYS A 121 11.94 -11.75 -2.44
CA LYS A 121 12.01 -12.81 -1.43
C LYS A 121 12.55 -12.29 -0.11
N ASP A 122 12.15 -12.93 0.99
CA ASP A 122 12.62 -12.51 2.30
C ASP A 122 14.14 -12.71 2.34
N TYR A 123 14.84 -11.75 2.93
CA TYR A 123 16.30 -11.83 3.03
C TYR A 123 16.70 -11.98 4.49
N ILE A 124 16.38 -10.97 5.29
CA ILE A 124 16.68 -10.98 6.71
C ILE A 124 15.65 -10.13 7.45
N ALA A 125 15.36 -10.50 8.69
CA ALA A 125 14.39 -9.74 9.48
C ALA A 125 14.71 -9.77 10.97
N LEU A 126 14.48 -8.66 11.64
CA LEU A 126 14.73 -8.58 13.07
C LEU A 126 13.59 -9.31 13.78
N ASN A 127 13.92 -10.25 14.66
CA ASN A 127 12.89 -10.98 15.39
C ASN A 127 12.16 -10.07 16.37
N GLU A 128 10.96 -10.49 16.78
CA GLU A 128 10.14 -9.72 17.70
C GLU A 128 10.86 -9.35 19.00
N ASP A 129 11.83 -10.15 19.38
CA ASP A 129 12.59 -9.87 20.60
C ASP A 129 13.48 -8.64 20.43
N LEU A 130 13.63 -8.20 19.19
CA LEU A 130 14.45 -7.03 18.87
C LEU A 130 15.90 -7.23 19.30
N SER A 131 16.37 -8.46 19.25
CA SER A 131 17.74 -8.75 19.64
C SER A 131 18.40 -9.82 18.77
N SER A 132 17.57 -10.61 18.09
CA SER A 132 18.06 -11.68 17.21
C SER A 132 17.57 -11.52 15.77
N TRP A 133 18.26 -12.19 14.83
CA TRP A 133 17.90 -12.10 13.43
C TRP A 133 17.46 -13.40 12.80
N THR A 134 16.80 -13.30 11.65
CA THR A 134 16.36 -14.47 10.90
C THR A 134 16.84 -14.32 9.46
N ALA A 135 17.85 -15.10 9.08
CA ALA A 135 18.40 -15.10 7.73
C ALA A 135 17.66 -16.13 6.87
N ALA A 136 17.19 -15.71 5.70
CA ALA A 136 16.45 -16.62 4.83
C ALA A 136 17.35 -17.66 4.16
N ASP A 137 18.63 -17.35 4.03
CA ASP A 137 19.56 -18.27 3.37
C ASP A 137 20.99 -18.01 3.80
N THR A 138 21.92 -18.78 3.24
CA THR A 138 23.33 -18.64 3.58
C THR A 138 23.91 -17.29 3.20
N ALA A 139 23.27 -16.61 2.25
CA ALA A 139 23.73 -15.30 1.83
C ALA A 139 23.37 -14.28 2.90
N ALA A 140 22.13 -14.30 3.35
CA ALA A 140 21.68 -13.37 4.39
C ALA A 140 22.43 -13.68 5.70
N GLN A 141 22.88 -14.92 5.84
CA GLN A 141 23.61 -15.30 7.05
C GLN A 141 24.88 -14.49 7.17
N ILE A 142 25.50 -14.21 6.03
CA ILE A 142 26.72 -13.40 6.00
C ILE A 142 26.41 -12.03 6.55
N THR A 143 25.29 -11.46 6.12
CA THR A 143 24.85 -10.15 6.58
C THR A 143 24.52 -10.20 8.06
N GLN A 144 23.98 -11.31 8.53
CA GLN A 144 23.65 -11.45 9.94
C GLN A 144 24.91 -11.31 10.82
N ARG A 145 25.94 -12.07 10.48
CA ARG A 145 27.19 -12.02 11.22
C ARG A 145 27.72 -10.60 11.29
N LYS A 146 27.56 -9.84 10.22
CA LYS A 146 28.03 -8.46 10.19
C LYS A 146 27.21 -7.60 11.12
N TRP A 147 25.90 -7.77 11.09
CA TRP A 147 24.99 -7.00 11.92
C TRP A 147 25.09 -7.35 13.40
N GLU A 148 25.42 -8.59 13.70
CA GLU A 148 25.59 -9.00 15.09
C GLU A 148 26.91 -8.41 15.60
N ALA A 149 27.93 -8.44 14.75
CA ALA A 149 29.23 -7.90 15.09
C ALA A 149 29.15 -6.40 15.31
N ALA A 150 28.45 -5.70 14.43
CA ALA A 150 28.33 -4.26 14.53
C ALA A 150 27.18 -3.85 15.43
N ARG A 151 26.69 -4.79 16.24
CA ARG A 151 25.61 -4.53 17.17
C ARG A 151 24.49 -3.70 16.52
N VAL A 152 23.85 -4.25 15.50
CA VAL A 152 22.78 -3.55 14.80
C VAL A 152 21.45 -3.67 15.55
N ALA A 153 21.15 -4.87 16.01
CA ALA A 153 19.91 -5.09 16.74
C ALA A 153 19.82 -4.15 17.94
N GLU A 154 20.95 -3.95 18.60
CA GLU A 154 20.98 -3.08 19.77
C GLU A 154 20.51 -1.68 19.39
N GLN A 155 21.03 -1.19 18.28
CA GLN A 155 20.71 0.14 17.81
C GLN A 155 19.24 0.26 17.42
N LEU A 156 18.74 -0.76 16.75
CA LEU A 156 17.36 -0.76 16.32
C LEU A 156 16.41 -0.77 17.51
N ARG A 157 16.69 -1.64 18.48
CA ARG A 157 15.88 -1.74 19.67
C ARG A 157 15.79 -0.38 20.36
N ALA A 158 16.93 0.28 20.47
CA ALA A 158 16.99 1.59 21.09
C ALA A 158 16.03 2.54 20.38
N TYR A 159 16.13 2.58 19.06
CA TYR A 159 15.27 3.43 18.25
C TYR A 159 13.82 3.01 18.43
N LEU A 160 13.56 1.74 18.14
CA LEU A 160 12.22 1.18 18.24
C LEU A 160 11.54 1.44 19.57
N GLU A 161 12.32 1.45 20.66
CA GLU A 161 11.75 1.69 21.98
C GLU A 161 11.78 3.17 22.36
N GLY A 162 12.67 3.94 21.72
CA GLY A 162 12.76 5.35 22.04
C GLY A 162 12.17 6.28 21.01
N LEU A 163 13.00 6.72 20.07
CA LEU A 163 12.58 7.65 19.04
C LEU A 163 11.34 7.23 18.23
N CYS A 164 11.28 5.97 17.85
CA CYS A 164 10.14 5.51 17.06
C CYS A 164 8.80 5.86 17.70
N VAL A 165 8.59 5.42 18.93
CA VAL A 165 7.35 5.68 19.63
C VAL A 165 7.18 7.15 20.01
N GLU A 166 8.27 7.81 20.36
CA GLU A 166 8.24 9.22 20.73
C GLU A 166 7.79 10.11 19.58
N SER A 167 8.40 9.92 18.42
CA SER A 167 8.07 10.72 17.25
C SER A 167 6.65 10.40 16.80
N LEU A 168 6.29 9.13 16.86
CA LEU A 168 4.95 8.71 16.46
C LEU A 168 3.94 9.39 17.37
N ARG A 169 4.23 9.40 18.66
CA ARG A 169 3.36 10.01 19.65
C ARG A 169 3.17 11.47 19.30
N ARG A 170 4.25 12.13 18.88
CA ARG A 170 4.17 13.53 18.52
C ARG A 170 3.37 13.70 17.25
N TYR A 171 3.58 12.81 16.27
CA TYR A 171 2.88 12.90 15.01
C TYR A 171 1.38 12.75 15.20
N LEU A 172 0.99 11.81 16.05
CA LEU A 172 -0.42 11.57 16.32
C LEU A 172 -1.12 12.78 16.92
N GLU A 173 -0.38 13.55 17.71
CA GLU A 173 -0.94 14.75 18.32
C GLU A 173 -1.17 15.84 17.29
N ASN A 174 -0.15 16.15 16.50
CA ASN A 174 -0.25 17.20 15.49
C ASN A 174 -1.27 16.88 14.41
N GLY A 175 -1.46 15.60 14.13
CA GLY A 175 -2.42 15.22 13.11
C GLY A 175 -3.62 14.50 13.66
N LYS A 176 -3.93 14.75 14.93
CA LYS A 176 -5.06 14.09 15.58
C LYS A 176 -6.36 14.33 14.85
N GLU A 177 -6.46 15.48 14.19
CA GLU A 177 -7.65 15.82 13.43
C GLU A 177 -7.98 14.79 12.34
N THR A 178 -6.95 14.10 11.84
CA THR A 178 -7.10 13.10 10.80
C THR A 178 -6.55 11.73 11.20
N LEU A 179 -5.31 11.70 11.71
CA LEU A 179 -4.69 10.44 12.09
C LEU A 179 -5.45 9.73 13.20
N GLN A 180 -6.17 10.49 14.01
CA GLN A 180 -6.94 9.91 15.11
C GLN A 180 -8.45 9.92 14.85
N ARG A 181 -8.84 10.15 13.60
CA ARG A 181 -10.25 10.17 13.26
C ARG A 181 -10.53 9.01 12.33
N ALA A 182 -11.48 8.18 12.71
CA ALA A 182 -11.86 7.03 11.91
C ALA A 182 -13.20 7.33 11.25
N ASP A 183 -13.22 7.29 9.92
CA ASP A 183 -14.45 7.54 9.18
C ASP A 183 -15.13 6.21 8.86
N PRO A 184 -16.37 6.01 9.33
CA PRO A 184 -17.09 4.77 9.06
C PRO A 184 -17.39 4.64 7.57
N PRO A 185 -17.60 3.41 7.10
CA PRO A 185 -17.89 3.29 5.66
C PRO A 185 -19.37 3.56 5.39
N LYS A 186 -19.66 3.92 4.14
CA LYS A 186 -21.02 4.15 3.69
C LYS A 186 -21.39 2.84 2.98
N THR A 187 -22.49 2.23 3.40
CA THR A 187 -22.88 0.94 2.83
C THR A 187 -24.22 0.88 2.14
N HIS A 188 -24.30 -0.03 1.18
CA HIS A 188 -25.52 -0.29 0.43
C HIS A 188 -25.35 -1.56 -0.41
N VAL A 189 -26.45 -2.27 -0.64
CA VAL A 189 -26.44 -3.50 -1.44
C VAL A 189 -27.09 -3.24 -2.80
N THR A 190 -26.47 -3.75 -3.87
CA THR A 190 -27.00 -3.58 -5.21
C THR A 190 -27.51 -4.92 -5.72
N HIS A 191 -28.53 -4.88 -6.55
CA HIS A 191 -29.15 -6.08 -7.10
C HIS A 191 -28.89 -6.13 -8.59
N HIS A 192 -28.30 -7.23 -9.06
CA HIS A 192 -27.99 -7.40 -10.47
C HIS A 192 -28.26 -8.83 -10.96
N PRO A 193 -29.42 -9.04 -11.61
CA PRO A 193 -29.79 -10.36 -12.14
C PRO A 193 -28.78 -10.88 -13.15
N ILE A 194 -28.32 -12.12 -12.93
CA ILE A 194 -27.36 -12.75 -13.83
C ILE A 194 -28.08 -13.59 -14.89
N SER A 195 -29.14 -14.26 -14.46
CA SER A 195 -29.94 -15.10 -15.34
C SER A 195 -31.39 -15.02 -14.86
N ASP A 196 -32.22 -15.98 -15.28
CA ASP A 196 -33.61 -16.00 -14.85
C ASP A 196 -33.71 -16.79 -13.54
N HIS A 197 -32.59 -17.33 -13.09
CA HIS A 197 -32.55 -18.14 -11.89
C HIS A 197 -31.65 -17.57 -10.79
N GLU A 198 -30.59 -16.87 -11.19
CA GLU A 198 -29.67 -16.32 -10.21
C GLU A 198 -29.44 -14.83 -10.38
N VAL A 199 -29.06 -14.17 -9.28
CA VAL A 199 -28.79 -12.74 -9.28
C VAL A 199 -27.56 -12.46 -8.42
N THR A 200 -26.93 -11.33 -8.65
CA THR A 200 -25.74 -10.93 -7.90
C THR A 200 -26.08 -9.84 -6.89
N LEU A 201 -25.68 -10.08 -5.65
CA LEU A 201 -25.89 -9.12 -4.58
C LEU A 201 -24.50 -8.59 -4.21
N ARG A 202 -24.33 -7.28 -4.30
CA ARG A 202 -23.04 -6.69 -4.01
C ARG A 202 -23.13 -5.71 -2.84
N CYS A 203 -22.35 -5.98 -1.81
CA CYS A 203 -22.33 -5.15 -0.62
C CYS A 203 -21.18 -4.18 -0.74
N TRP A 204 -21.48 -2.88 -0.75
CA TRP A 204 -20.46 -1.85 -0.84
C TRP A 204 -20.11 -1.19 0.49
N ALA A 205 -18.88 -0.65 0.55
CA ALA A 205 -18.36 0.06 1.70
C ALA A 205 -17.52 1.18 1.10
N LEU A 206 -17.91 2.43 1.31
CA LEU A 206 -17.18 3.54 0.72
C LEU A 206 -16.76 4.64 1.69
N GLY A 207 -15.79 5.44 1.25
CA GLY A 207 -15.30 6.56 2.03
C GLY A 207 -14.87 6.29 3.45
N PHE A 208 -14.35 5.08 3.72
CA PHE A 208 -13.93 4.77 5.07
C PHE A 208 -12.43 4.88 5.26
N TYR A 209 -12.04 5.04 6.52
CA TYR A 209 -10.63 5.15 6.90
C TYR A 209 -10.56 4.75 8.36
N PRO A 210 -9.55 3.96 8.74
CA PRO A 210 -8.48 3.42 7.90
C PRO A 210 -8.91 2.30 6.96
N ALA A 211 -7.94 1.74 6.24
CA ALA A 211 -8.21 0.65 5.29
C ALA A 211 -8.79 -0.63 5.93
N GLU A 212 -8.29 -1.00 7.10
CA GLU A 212 -8.77 -2.22 7.76
C GLU A 212 -10.30 -2.26 7.85
N ILE A 213 -10.88 -3.35 7.36
CA ILE A 213 -12.34 -3.49 7.39
C ILE A 213 -12.68 -4.94 7.10
N THR A 214 -13.89 -5.33 7.50
CA THR A 214 -14.34 -6.70 7.27
C THR A 214 -15.76 -6.76 6.69
N LEU A 215 -15.89 -7.30 5.48
CA LEU A 215 -17.18 -7.45 4.81
C LEU A 215 -17.44 -8.93 4.63
N THR A 216 -18.61 -9.38 5.07
CA THR A 216 -18.97 -10.80 4.95
C THR A 216 -20.44 -10.99 4.58
N TRP A 217 -20.71 -12.02 3.81
CA TRP A 217 -22.07 -12.35 3.40
C TRP A 217 -22.53 -13.57 4.17
N GLN A 218 -23.73 -13.48 4.73
CA GLN A 218 -24.29 -14.59 5.50
C GLN A 218 -25.58 -15.17 4.92
N ARG A 219 -25.60 -16.49 4.78
CA ARG A 219 -26.77 -17.19 4.25
C ARG A 219 -27.43 -17.92 5.42
N ASP A 220 -28.56 -17.38 5.88
CA ASP A 220 -29.29 -17.97 7.00
C ASP A 220 -28.46 -17.92 8.27
N GLY A 221 -27.46 -17.07 8.29
CA GLY A 221 -26.60 -16.95 9.47
C GLY A 221 -25.25 -17.61 9.29
N GLU A 222 -25.11 -18.35 8.20
CA GLU A 222 -23.86 -19.04 7.89
C GLU A 222 -22.99 -18.21 6.95
N ASP A 223 -21.72 -18.03 7.33
CA ASP A 223 -20.79 -17.27 6.53
C ASP A 223 -20.52 -17.94 5.19
N GLN A 224 -20.64 -17.19 4.11
CA GLN A 224 -20.42 -17.73 2.78
C GLN A 224 -18.99 -17.53 2.31
N THR A 225 -18.06 -17.76 3.24
CA THR A 225 -16.63 -17.60 2.97
C THR A 225 -16.20 -18.10 1.59
N GLN A 226 -16.14 -19.41 1.44
CA GLN A 226 -15.71 -20.01 0.19
C GLN A 226 -16.67 -19.75 -0.97
N ASP A 227 -17.65 -18.87 -0.75
CA ASP A 227 -18.63 -18.57 -1.77
C ASP A 227 -18.77 -17.09 -2.10
N THR A 228 -18.04 -16.25 -1.38
CA THR A 228 -18.12 -14.81 -1.61
C THR A 228 -16.95 -14.23 -2.39
N GLU A 229 -17.25 -13.35 -3.34
CA GLU A 229 -16.21 -12.70 -4.13
C GLU A 229 -15.83 -11.41 -3.40
N LEU A 230 -14.60 -11.34 -2.93
CA LEU A 230 -14.12 -10.18 -2.18
C LEU A 230 -12.99 -9.45 -2.90
N VAL A 231 -13.27 -8.28 -3.46
CA VAL A 231 -12.23 -7.54 -4.16
C VAL A 231 -11.26 -6.93 -3.18
N GLU A 232 -10.05 -6.65 -3.65
CA GLU A 232 -9.02 -6.07 -2.81
C GLU A 232 -9.41 -4.65 -2.45
N THR A 233 -9.22 -4.28 -1.18
CA THR A 233 -9.53 -2.93 -0.74
C THR A 233 -8.77 -1.98 -1.67
N ARG A 234 -9.40 -0.87 -2.03
CA ARG A 234 -8.76 0.08 -2.93
C ARG A 234 -8.88 1.49 -2.42
N PRO A 235 -7.93 2.36 -2.80
CA PRO A 235 -7.96 3.76 -2.37
C PRO A 235 -8.85 4.60 -3.27
N ALA A 236 -9.69 5.44 -2.67
CA ALA A 236 -10.58 6.30 -3.43
C ALA A 236 -9.80 7.48 -4.01
N GLY A 237 -8.70 7.85 -3.35
CA GLY A 237 -7.91 8.97 -3.80
C GLY A 237 -8.04 10.17 -2.86
N ASP A 238 -9.05 10.12 -2.01
CA ASP A 238 -9.30 11.19 -1.05
C ASP A 238 -8.97 10.78 0.38
N ARG A 239 -7.97 9.92 0.53
CA ARG A 239 -7.56 9.42 1.84
C ARG A 239 -8.42 8.23 2.28
N THR A 240 -9.60 8.10 1.71
CA THR A 240 -10.50 7.01 2.10
C THR A 240 -10.34 5.80 1.20
N PHE A 241 -10.95 4.68 1.60
CA PHE A 241 -10.87 3.45 0.83
C PHE A 241 -12.24 2.90 0.48
N GLN A 242 -12.24 1.94 -0.44
CA GLN A 242 -13.47 1.32 -0.91
C GLN A 242 -13.28 -0.19 -0.95
N LYS A 243 -14.39 -0.93 -0.85
CA LYS A 243 -14.32 -2.38 -0.91
C LYS A 243 -15.72 -2.94 -1.02
N TRP A 244 -15.85 -4.09 -1.68
CA TRP A 244 -17.14 -4.74 -1.82
C TRP A 244 -17.06 -6.26 -1.84
N ALA A 245 -18.12 -6.89 -1.34
CA ALA A 245 -18.22 -8.34 -1.27
C ALA A 245 -19.46 -8.72 -2.06
N ALA A 246 -19.32 -9.65 -3.00
CA ALA A 246 -20.43 -10.07 -3.83
C ALA A 246 -20.69 -11.55 -3.66
N VAL A 247 -21.93 -11.93 -3.92
CA VAL A 247 -22.36 -13.31 -3.83
C VAL A 247 -23.54 -13.54 -4.79
N VAL A 248 -23.49 -14.66 -5.50
CA VAL A 248 -24.54 -15.02 -6.45
C VAL A 248 -25.57 -15.86 -5.73
N VAL A 249 -26.77 -15.30 -5.57
CA VAL A 249 -27.84 -15.99 -4.88
C VAL A 249 -29.00 -16.35 -5.81
N PRO A 250 -29.70 -17.45 -5.51
CA PRO A 250 -30.84 -17.89 -6.32
C PRO A 250 -31.98 -16.87 -6.25
N SER A 251 -32.62 -16.63 -7.40
CA SER A 251 -33.72 -15.67 -7.47
C SER A 251 -34.85 -16.03 -6.50
N GLY A 252 -35.29 -15.05 -5.72
CA GLY A 252 -36.36 -15.29 -4.75
C GLY A 252 -35.87 -15.72 -3.38
N GLU A 253 -34.55 -15.74 -3.20
CA GLU A 253 -33.96 -16.14 -1.93
C GLU A 253 -33.04 -15.04 -1.38
N GLU A 254 -33.19 -13.84 -1.95
CA GLU A 254 -32.37 -12.70 -1.57
C GLU A 254 -32.49 -12.27 -0.12
N GLN A 255 -33.61 -12.61 0.52
CA GLN A 255 -33.79 -12.22 1.92
C GLN A 255 -33.15 -13.19 2.89
N ARG A 256 -32.56 -14.25 2.36
CA ARG A 256 -31.90 -15.24 3.20
C ARG A 256 -30.44 -14.85 3.39
N TYR A 257 -30.04 -13.78 2.71
CA TYR A 257 -28.68 -13.27 2.76
C TYR A 257 -28.56 -11.93 3.47
N THR A 258 -27.51 -11.79 4.27
CA THR A 258 -27.25 -10.57 5.01
C THR A 258 -25.76 -10.22 4.98
N CYS A 259 -25.48 -8.94 4.76
CA CYS A 259 -24.11 -8.47 4.70
C CYS A 259 -23.68 -7.90 6.03
N HIS A 260 -22.49 -8.30 6.49
CA HIS A 260 -21.97 -7.83 7.77
C HIS A 260 -20.72 -6.99 7.56
N VAL A 261 -20.69 -5.83 8.23
CA VAL A 261 -19.59 -4.88 8.13
C VAL A 261 -18.92 -4.55 9.46
N GLN A 262 -17.59 -4.60 9.48
CA GLN A 262 -16.83 -4.30 10.68
C GLN A 262 -15.75 -3.28 10.37
N HIS A 263 -15.79 -2.15 11.09
CA HIS A 263 -14.82 -1.07 10.92
C HIS A 263 -14.74 -0.37 12.26
N GLU A 264 -13.54 0.06 12.66
CA GLU A 264 -13.40 0.73 13.95
C GLU A 264 -14.07 2.10 13.98
N GLY A 265 -14.71 2.48 12.88
CA GLY A 265 -15.40 3.75 12.84
C GLY A 265 -16.87 3.53 13.16
N LEU A 266 -17.25 2.26 13.33
CA LEU A 266 -18.62 1.89 13.65
C LEU A 266 -18.68 1.35 15.08
N PRO A 267 -19.56 1.93 15.91
CA PRO A 267 -19.70 1.49 17.31
C PRO A 267 -20.16 0.03 17.43
N LYS A 268 -20.99 -0.40 16.48
CA LYS A 268 -21.51 -1.77 16.45
C LYS A 268 -21.48 -2.33 15.03
N PRO A 269 -21.10 -3.62 14.89
CA PRO A 269 -21.06 -4.22 13.55
C PRO A 269 -22.40 -4.03 12.84
N LEU A 270 -22.34 -3.69 11.56
CA LEU A 270 -23.56 -3.47 10.78
C LEU A 270 -24.08 -4.71 10.12
N THR A 271 -25.33 -4.65 9.68
CA THR A 271 -25.99 -5.76 8.99
C THR A 271 -27.00 -5.18 8.01
N LEU A 272 -26.88 -5.52 6.73
CA LEU A 272 -27.82 -5.03 5.73
C LEU A 272 -28.27 -6.12 4.76
N ARG A 273 -29.32 -5.82 3.99
CA ARG A 273 -29.86 -6.76 3.02
C ARG A 273 -30.23 -6.01 1.75
N TRP A 274 -30.75 -6.73 0.77
CA TRP A 274 -31.18 -6.14 -0.49
C TRP A 274 -32.47 -5.39 -0.17
N GLU A 275 -32.53 -4.11 -0.53
CA GLU A 275 -33.72 -3.31 -0.29
C GLU A 275 -34.49 -3.03 -1.57
N PRO A 276 -35.48 -3.88 -1.89
CA PRO A 276 -36.28 -3.70 -3.11
C PRO A 276 -37.17 -2.47 -3.02
N ILE B 2 9.16 -15.63 -9.44
CA ILE B 2 10.13 -14.49 -9.33
C ILE B 2 9.42 -13.19 -9.70
N GLN B 3 8.41 -13.30 -10.54
CA GLN B 3 7.66 -12.12 -10.98
C GLN B 3 6.17 -12.29 -10.71
N ARG B 4 5.50 -11.18 -10.42
CA ARG B 4 4.08 -11.19 -10.09
C ARG B 4 3.29 -10.29 -11.03
N THR B 5 2.19 -10.82 -11.57
CA THR B 5 1.35 -10.06 -12.48
C THR B 5 0.45 -9.12 -11.69
N PRO B 6 0.27 -7.89 -12.20
CA PRO B 6 -0.55 -6.89 -11.54
C PRO B 6 -2.05 -7.12 -11.60
N LYS B 7 -2.71 -6.87 -10.48
CA LYS B 7 -4.15 -6.99 -10.42
C LYS B 7 -4.64 -5.58 -10.79
N ILE B 8 -5.74 -5.49 -11.52
CA ILE B 8 -6.24 -4.18 -11.94
C ILE B 8 -7.69 -3.87 -11.60
N GLN B 9 -7.94 -2.62 -11.18
CA GLN B 9 -9.29 -2.18 -10.85
C GLN B 9 -9.49 -0.78 -11.38
N VAL B 10 -10.61 -0.57 -12.07
CA VAL B 10 -10.94 0.72 -12.63
C VAL B 10 -12.24 1.14 -11.95
N TYR B 11 -12.28 2.37 -11.43
CA TYR B 11 -13.46 2.85 -10.75
C TYR B 11 -13.38 4.35 -10.54
N SER B 12 -14.42 4.93 -9.97
CA SER B 12 -14.47 6.37 -9.71
C SER B 12 -14.38 6.64 -8.22
N ARG B 13 -13.88 7.84 -7.87
CA ARG B 13 -13.73 8.22 -6.48
C ARG B 13 -15.10 8.31 -5.81
N HIS B 14 -16.05 8.90 -6.53
CA HIS B 14 -17.41 9.06 -6.04
C HIS B 14 -18.34 8.31 -6.99
N PRO B 15 -19.57 8.00 -6.55
CA PRO B 15 -20.52 7.30 -7.41
C PRO B 15 -20.75 8.08 -8.71
N ALA B 16 -20.81 7.36 -9.82
CA ALA B 16 -21.00 7.98 -11.12
C ALA B 16 -22.26 8.83 -11.24
N GLU B 17 -22.15 9.90 -12.01
CA GLU B 17 -23.28 10.80 -12.25
C GLU B 17 -22.99 11.67 -13.47
N ASN B 18 -23.56 11.30 -14.60
CA ASN B 18 -23.38 12.02 -15.86
C ASN B 18 -23.53 13.51 -15.67
N GLY B 19 -22.58 14.27 -16.21
CA GLY B 19 -22.64 15.71 -16.11
C GLY B 19 -21.86 16.27 -14.93
N LYS B 20 -21.77 15.48 -13.87
CA LYS B 20 -21.04 15.88 -12.68
C LYS B 20 -19.58 15.45 -12.75
N SER B 21 -18.69 16.34 -12.33
CA SER B 21 -17.25 16.05 -12.33
C SER B 21 -16.93 14.96 -11.32
N ASN B 22 -15.85 14.23 -11.57
CA ASN B 22 -15.44 13.15 -10.68
C ASN B 22 -13.98 12.83 -10.96
N PHE B 23 -13.53 11.68 -10.45
CA PHE B 23 -12.17 11.23 -10.65
C PHE B 23 -12.14 9.77 -11.12
N LEU B 24 -11.38 9.51 -12.17
CA LEU B 24 -11.24 8.17 -12.72
C LEU B 24 -9.98 7.52 -12.17
N ASN B 25 -10.12 6.39 -11.49
CA ASN B 25 -8.96 5.73 -10.90
C ASN B 25 -8.67 4.36 -11.49
N CYS B 26 -7.39 4.02 -11.54
CA CYS B 26 -6.93 2.71 -11.99
C CYS B 26 -5.91 2.28 -10.95
N TYR B 27 -6.29 1.30 -10.14
CA TYR B 27 -5.43 0.80 -9.07
C TYR B 27 -4.73 -0.50 -9.46
N VAL B 28 -3.42 -0.43 -9.62
CA VAL B 28 -2.65 -1.61 -9.98
C VAL B 28 -1.94 -2.09 -8.72
N SER B 29 -1.98 -3.40 -8.48
CA SER B 29 -1.35 -3.95 -7.30
C SER B 29 -0.93 -5.41 -7.43
N GLY B 30 -0.21 -5.89 -6.42
CA GLY B 30 0.24 -7.27 -6.43
C GLY B 30 1.24 -7.62 -7.50
N PHE B 31 1.97 -6.63 -8.01
CA PHE B 31 2.94 -6.92 -9.06
C PHE B 31 4.38 -6.80 -8.60
N HIS B 32 5.29 -7.39 -9.37
CA HIS B 32 6.70 -7.38 -9.04
C HIS B 32 7.45 -7.90 -10.26
N PRO B 33 8.52 -7.21 -10.69
CA PRO B 33 9.11 -5.99 -10.13
C PRO B 33 8.21 -4.75 -10.24
N SER B 34 8.79 -3.60 -9.90
CA SER B 34 8.11 -2.31 -9.87
C SER B 34 7.82 -1.62 -11.20
N ASP B 35 8.67 -1.78 -12.20
CA ASP B 35 8.41 -1.14 -13.49
C ASP B 35 7.05 -1.53 -14.05
N ILE B 36 6.26 -0.53 -14.42
CA ILE B 36 4.94 -0.78 -14.98
C ILE B 36 4.47 0.46 -15.74
N GLU B 37 3.65 0.25 -16.76
CA GLU B 37 3.14 1.34 -17.56
C GLU B 37 1.62 1.32 -17.54
N VAL B 38 1.02 2.43 -17.13
CA VAL B 38 -0.43 2.53 -17.06
C VAL B 38 -0.98 3.79 -17.73
N ASP B 39 -2.03 3.60 -18.53
CA ASP B 39 -2.68 4.71 -19.23
C ASP B 39 -4.19 4.66 -19.00
N LEU B 40 -4.80 5.84 -18.89
CA LEU B 40 -6.25 5.94 -18.72
C LEU B 40 -6.76 6.34 -20.10
N LEU B 41 -7.67 5.52 -20.65
CA LEU B 41 -8.22 5.75 -21.97
C LEU B 41 -9.65 6.27 -22.02
N LYS B 42 -9.85 7.31 -22.84
CA LYS B 42 -11.17 7.91 -23.05
C LYS B 42 -11.57 7.59 -24.49
N ASN B 43 -12.48 6.64 -24.64
CA ASN B 43 -12.93 6.23 -25.96
C ASN B 43 -11.75 5.72 -26.78
N GLY B 44 -10.79 5.13 -26.10
CA GLY B 44 -9.64 4.56 -26.79
C GLY B 44 -8.39 5.41 -26.92
N GLU B 45 -8.43 6.65 -26.47
CA GLU B 45 -7.26 7.52 -26.58
C GLU B 45 -6.59 7.85 -25.26
N ARG B 46 -5.26 7.78 -25.23
CA ARG B 46 -4.50 8.07 -24.02
C ARG B 46 -4.78 9.46 -23.46
N ILE B 47 -5.43 9.52 -22.30
CA ILE B 47 -5.72 10.79 -21.67
C ILE B 47 -4.39 11.39 -21.22
N GLU B 48 -4.18 12.66 -21.53
CA GLU B 48 -2.95 13.34 -21.15
C GLU B 48 -3.04 13.92 -19.74
N LYS B 49 -1.88 14.11 -19.14
CA LYS B 49 -1.80 14.66 -17.79
C LYS B 49 -2.55 13.79 -16.78
N VAL B 50 -2.02 12.59 -16.56
CA VAL B 50 -2.61 11.65 -15.60
C VAL B 50 -1.59 11.47 -14.49
N GLU B 51 -2.02 11.70 -13.25
CA GLU B 51 -1.13 11.59 -12.09
C GLU B 51 -1.13 10.21 -11.43
N HIS B 52 -0.21 10.00 -10.50
CA HIS B 52 -0.11 8.73 -9.80
C HIS B 52 0.58 8.88 -8.45
N SER B 53 0.17 8.08 -7.48
CA SER B 53 0.73 8.12 -6.14
C SER B 53 2.16 7.63 -6.08
N ASP B 54 2.81 7.84 -4.94
CA ASP B 54 4.19 7.43 -4.75
C ASP B 54 4.26 5.92 -4.57
N LEU B 55 5.15 5.28 -5.30
CA LEU B 55 5.31 3.84 -5.24
C LEU B 55 5.49 3.32 -3.83
N SER B 56 4.76 2.28 -3.50
CA SER B 56 4.83 1.64 -2.18
C SER B 56 4.56 0.15 -2.38
N PHE B 57 4.57 -0.60 -1.29
CA PHE B 57 4.31 -2.03 -1.40
C PHE B 57 3.62 -2.62 -0.17
N SER B 58 3.00 -3.79 -0.37
CA SER B 58 2.28 -4.48 0.70
C SER B 58 3.20 -5.36 1.52
N LYS B 59 2.64 -6.04 2.51
CA LYS B 59 3.42 -6.92 3.38
C LYS B 59 4.08 -8.10 2.68
N ASP B 60 3.54 -8.46 1.51
CA ASP B 60 4.12 -9.55 0.73
C ASP B 60 5.16 -9.03 -0.25
N TRP B 61 5.56 -7.77 -0.08
CA TRP B 61 6.55 -7.10 -0.90
C TRP B 61 6.08 -6.69 -2.30
N SER B 62 4.84 -7.01 -2.64
CA SER B 62 4.32 -6.64 -3.96
C SER B 62 3.98 -5.16 -4.02
N PHE B 63 4.28 -4.54 -5.15
CA PHE B 63 4.06 -3.11 -5.33
C PHE B 63 2.63 -2.75 -5.74
N TYR B 64 2.27 -1.49 -5.51
CA TYR B 64 0.96 -0.98 -5.88
C TYR B 64 0.99 0.53 -6.12
N LEU B 65 0.30 0.96 -7.17
CA LEU B 65 0.22 2.38 -7.52
C LEU B 65 -1.19 2.76 -7.90
N LEU B 66 -1.48 4.05 -7.83
CA LEU B 66 -2.81 4.53 -8.20
C LEU B 66 -2.71 5.62 -9.26
N TYR B 67 -3.28 5.37 -10.43
CA TYR B 67 -3.30 6.35 -11.50
C TYR B 67 -4.69 6.97 -11.52
N TYR B 68 -4.74 8.30 -11.51
CA TYR B 68 -6.03 8.99 -11.49
C TYR B 68 -6.06 10.27 -12.32
N THR B 69 -7.23 10.56 -12.87
CA THR B 69 -7.40 11.77 -13.66
C THR B 69 -8.81 12.29 -13.38
N GLU B 70 -8.97 13.60 -13.40
CA GLU B 70 -10.28 14.20 -13.17
C GLU B 70 -11.10 14.08 -14.46
N PHE B 71 -12.41 13.91 -14.32
CA PHE B 71 -13.26 13.77 -15.49
C PHE B 71 -14.73 13.92 -15.16
N THR B 72 -15.53 14.17 -16.20
CA THR B 72 -16.97 14.31 -16.07
C THR B 72 -17.57 13.26 -16.98
N PRO B 73 -18.13 12.19 -16.40
CA PRO B 73 -18.74 11.11 -17.18
C PRO B 73 -20.05 11.44 -17.87
N THR B 74 -20.39 10.64 -18.88
CA THR B 74 -21.62 10.78 -19.64
C THR B 74 -22.11 9.38 -19.97
N GLU B 75 -23.24 9.29 -20.67
CA GLU B 75 -23.79 7.99 -21.04
C GLU B 75 -23.15 7.48 -22.33
N LYS B 76 -22.46 8.36 -23.04
CA LYS B 76 -21.81 8.00 -24.30
C LYS B 76 -20.30 7.70 -24.20
N ASP B 77 -19.57 8.53 -23.45
CA ASP B 77 -18.13 8.34 -23.30
C ASP B 77 -17.81 7.03 -22.58
N GLU B 78 -16.75 6.37 -23.02
CA GLU B 78 -16.32 5.11 -22.42
C GLU B 78 -14.87 5.25 -21.96
N TYR B 79 -14.58 4.73 -20.77
CA TYR B 79 -13.24 4.82 -20.20
C TYR B 79 -12.65 3.44 -19.89
N ALA B 80 -11.33 3.34 -19.95
CA ALA B 80 -10.66 2.08 -19.66
C ALA B 80 -9.24 2.30 -19.18
N CYS B 81 -8.63 1.25 -18.65
CA CYS B 81 -7.28 1.35 -18.17
C CYS B 81 -6.42 0.39 -18.98
N ARG B 82 -5.26 0.83 -19.43
CA ARG B 82 -4.36 -0.03 -20.20
C ARG B 82 -3.08 -0.25 -19.40
N VAL B 83 -2.83 -1.50 -19.06
CA VAL B 83 -1.66 -1.85 -18.26
C VAL B 83 -0.68 -2.76 -18.97
N ASN B 84 0.61 -2.48 -18.79
CA ASN B 84 1.66 -3.29 -19.36
C ASN B 84 2.67 -3.57 -18.27
N HIS B 85 3.21 -4.79 -18.25
CA HIS B 85 4.19 -5.18 -17.24
C HIS B 85 5.05 -6.29 -17.82
N VAL B 86 6.21 -6.51 -17.23
CA VAL B 86 7.13 -7.55 -17.71
C VAL B 86 6.46 -8.93 -17.74
N THR B 87 5.37 -9.08 -17.01
CA THR B 87 4.67 -10.37 -16.95
C THR B 87 3.53 -10.44 -17.96
N LEU B 88 3.40 -9.40 -18.78
CA LEU B 88 2.34 -9.35 -19.79
C LEU B 88 2.89 -9.23 -21.20
N SER B 89 2.57 -10.19 -22.04
CA SER B 89 3.03 -10.20 -23.43
C SER B 89 2.39 -9.04 -24.18
N GLN B 90 1.10 -8.82 -23.92
CA GLN B 90 0.36 -7.75 -24.57
C GLN B 90 -0.31 -6.88 -23.52
N PRO B 91 -0.42 -5.57 -23.78
CA PRO B 91 -1.06 -4.67 -22.82
C PRO B 91 -2.45 -5.15 -22.50
N LYS B 92 -2.81 -5.18 -21.21
CA LYS B 92 -4.14 -5.61 -20.81
C LYS B 92 -5.02 -4.38 -20.68
N ILE B 93 -6.28 -4.51 -21.06
CA ILE B 93 -7.21 -3.39 -20.97
C ILE B 93 -8.46 -3.72 -20.16
N VAL B 94 -8.78 -2.86 -19.21
CA VAL B 94 -9.95 -3.05 -18.36
C VAL B 94 -10.92 -1.89 -18.57
N LYS B 95 -12.10 -2.20 -19.09
CA LYS B 95 -13.10 -1.17 -19.34
C LYS B 95 -13.77 -0.75 -18.03
N TRP B 96 -13.95 0.54 -17.85
CA TRP B 96 -14.60 1.02 -16.64
C TRP B 96 -16.03 0.49 -16.58
N ASP B 97 -16.54 0.30 -15.37
CA ASP B 97 -17.90 -0.20 -15.17
C ASP B 97 -18.40 0.48 -13.90
N ARG B 98 -19.37 1.39 -14.06
CA ARG B 98 -19.90 2.11 -12.91
C ARG B 98 -20.58 1.24 -11.86
N ASP B 99 -20.48 -0.08 -12.01
CA ASP B 99 -21.10 -1.01 -11.07
C ASP B 99 -20.08 -2.05 -10.61
N MET B 100 -18.81 -1.65 -10.62
CA MET B 100 -17.72 -2.54 -10.22
C MET B 100 -16.61 -1.78 -9.48
N GLU C 1 10.15 9.96 12.36
CA GLU C 1 11.64 10.12 12.36
C GLU C 1 12.37 8.79 12.21
N GLU C 2 13.41 8.79 11.38
CA GLU C 2 14.22 7.60 11.17
C GLU C 2 15.43 7.66 12.07
N PRO C 3 15.99 6.50 12.40
CA PRO C 3 17.17 6.50 13.26
C PRO C 3 18.36 6.53 12.30
N THR C 4 19.57 6.73 12.82
CA THR C 4 20.73 6.70 11.94
C THR C 4 20.90 5.21 11.66
N VAL C 5 21.81 4.54 12.36
CA VAL C 5 21.99 3.11 12.17
C VAL C 5 22.34 2.72 10.73
N ILE C 6 23.58 2.32 10.52
CA ILE C 6 24.05 1.91 9.21
C ILE C 6 24.00 0.39 9.11
N LYS C 7 23.35 -0.11 8.06
CA LYS C 7 23.23 -1.54 7.89
C LYS C 7 23.91 -2.04 6.61
N LYS C 8 25.21 -2.26 6.67
CA LYS C 8 25.93 -2.75 5.49
C LYS C 8 25.67 -4.23 5.34
N TYR C 9 25.29 -4.65 4.15
CA TYR C 9 25.06 -6.06 3.86
C TYR C 9 26.37 -6.84 3.96
#